data_7F72
#
_entry.id   7F72
#
_cell.length_a   134.100
_cell.length_b   134.100
_cell.length_c   109.590
_cell.angle_alpha   90.000
_cell.angle_beta   90.000
_cell.angle_gamma   90.000
#
_symmetry.space_group_name_H-M   'I 41 2 2'
#
loop_
_entity.id
_entity.type
_entity.pdbx_description
1 polymer Rv3094c
2 non-polymer '2-ethylpyridine-4-carboximidothioic acid'
3 non-polymer 'FLAVIN MONONUCLEOTIDE'
4 water water
#
_entity_poly.entity_id   1
_entity_poly.type   'polypeptide(L)'
_entity_poly.pdbx_seq_one_letter_code
;VNQSETEIEILAEKIARWARARSAEIERDRRLPDELVTRLREAGLLRATMPREVAAPELAPGRALRCAEAVARGDASAGW
CVSIAITSALLVAYLPARSREEMFGGGRGVAAGVWAPRGTARSVDGGVVVSGRWPFCSGINHADIMFAGCFVDDRQVPSV
VALNKDELQVLDTWHTLGLRGTGSHDCVADDVFVPADRVFSVFDGPIVDRPLYRFPVFGFFALSIGAAALGNARAAIDDL
VELAGGKKGLGTTRTLAERSATQAAAATAESALGAARALFYEVIEAAWQVSHDAEAVPVTMRNRLRLAATHAVRTSADVV
RSMYDLAGGTAIYDNAPLQRRFRDAFTATAHFQVNEASRELPGRVLLDQPADVSML
;
_entity_poly.pdbx_strand_id   A
#
loop_
_chem_comp.id
_chem_comp.type
_chem_comp.name
_chem_comp.formula
1JA non-polymer '2-ethylpyridine-4-carboximidothioic acid' 'C8 H10 N2 S'
FMN non-polymer 'FLAVIN MONONUCLEOTIDE' 'C17 H21 N4 O9 P'
#
# COMPACT_ATOMS: atom_id res chain seq x y z
N GLU A 7 -12.19 2.97 -16.83
CA GLU A 7 -12.63 1.61 -17.02
C GLU A 7 -11.82 0.61 -16.20
N ILE A 8 -10.56 0.96 -15.94
CA ILE A 8 -9.76 0.12 -15.04
C ILE A 8 -10.44 0.05 -13.68
N GLU A 9 -11.18 1.10 -13.31
CA GLU A 9 -11.92 1.11 -12.05
C GLU A 9 -12.98 0.02 -12.04
N ILE A 10 -13.64 -0.20 -13.18
CA ILE A 10 -14.63 -1.27 -13.28
C ILE A 10 -13.94 -2.63 -13.19
N LEU A 11 -12.78 -2.77 -13.82
CA LEU A 11 -12.04 -4.03 -13.71
C LEU A 11 -11.62 -4.27 -12.27
N ALA A 12 -11.21 -3.20 -11.58
CA ALA A 12 -10.80 -3.36 -10.19
C ALA A 12 -11.96 -3.85 -9.33
N GLU A 13 -13.17 -3.34 -9.54
CA GLU A 13 -14.30 -3.82 -8.76
C GLU A 13 -14.62 -5.27 -9.08
N LYS A 14 -14.52 -5.66 -10.36
CA LYS A 14 -14.72 -7.08 -10.68
C LYS A 14 -13.68 -7.95 -10.01
N ILE A 15 -12.43 -7.50 -10.00
CA ILE A 15 -11.35 -8.28 -9.40
C ILE A 15 -11.52 -8.35 -7.90
N ALA A 16 -12.06 -7.29 -7.29
CA ALA A 16 -12.36 -7.34 -5.86
C ALA A 16 -13.29 -8.48 -5.52
N ARG A 17 -14.31 -8.72 -6.37
CA ARG A 17 -15.22 -9.83 -6.11
C ARG A 17 -14.53 -11.18 -6.23
N TRP A 18 -13.57 -11.32 -7.15
CA TRP A 18 -12.78 -12.54 -7.22
C TRP A 18 -11.92 -12.69 -5.97
N ALA A 19 -11.30 -11.61 -5.51
CA ALA A 19 -10.48 -11.72 -4.32
C ALA A 19 -11.29 -12.12 -3.11
N ARG A 20 -12.49 -11.55 -2.98
CA ARG A 20 -13.36 -11.92 -1.88
C ARG A 20 -13.69 -13.40 -1.93
N ALA A 21 -14.00 -13.90 -3.12
CA ALA A 21 -14.31 -15.32 -3.29
C ALA A 21 -13.16 -16.23 -2.88
N ARG A 22 -11.92 -15.80 -3.11
CA ARG A 22 -10.73 -16.58 -2.81
C ARG A 22 -10.09 -16.21 -1.47
N SER A 23 -10.78 -15.45 -0.60
CA SER A 23 -10.08 -14.83 0.53
C SER A 23 -9.61 -15.87 1.54
N ALA A 24 -10.36 -16.96 1.71
CA ALA A 24 -9.90 -18.03 2.58
C ALA A 24 -8.62 -18.66 2.07
N GLU A 25 -8.54 -18.90 0.74
CA GLU A 25 -7.32 -19.46 0.16
C GLU A 25 -6.15 -18.50 0.25
N ILE A 26 -6.39 -17.21 0.02
CA ILE A 26 -5.34 -16.21 0.12
C ILE A 26 -4.70 -16.29 1.50
N GLU A 27 -5.55 -16.33 2.53
CA GLU A 27 -5.03 -16.34 3.89
C GLU A 27 -4.34 -17.66 4.19
N ARG A 28 -4.97 -18.77 3.79
CA ARG A 28 -4.40 -20.10 4.08
C ARG A 28 -3.01 -20.23 3.50
N ASP A 29 -2.82 -19.83 2.23
CA ASP A 29 -1.56 -20.00 1.51
C ASP A 29 -0.58 -18.84 1.68
N ARG A 30 -1.02 -17.73 2.30
CA ARG A 30 -0.20 -16.54 2.47
C ARG A 30 0.31 -16.02 1.13
N ARG A 31 -0.56 -16.00 0.13
CA ARG A 31 -0.17 -15.54 -1.19
C ARG A 31 -1.44 -15.48 -2.02
N LEU A 32 -1.37 -14.69 -3.13
CA LEU A 32 -2.52 -14.61 -4.03
C LEU A 32 -2.50 -15.81 -4.98
N PRO A 33 -3.65 -16.44 -5.21
CA PRO A 33 -3.70 -17.53 -6.21
C PRO A 33 -3.23 -17.08 -7.58
N ASP A 34 -2.60 -18.01 -8.32
CA ASP A 34 -2.07 -17.64 -9.63
C ASP A 34 -3.12 -17.01 -10.51
N GLU A 35 -4.36 -17.53 -10.46
CA GLU A 35 -5.42 -17.01 -11.32
C GLU A 35 -5.76 -15.58 -10.97
N LEU A 36 -5.70 -15.23 -9.67
CA LEU A 36 -5.98 -13.85 -9.27
C LEU A 36 -4.86 -12.93 -9.72
N VAL A 37 -3.60 -13.37 -9.63
CA VAL A 37 -2.50 -12.54 -10.10
C VAL A 37 -2.65 -12.30 -11.60
N THR A 38 -3.03 -13.34 -12.35
CA THR A 38 -3.24 -13.18 -13.79
C THR A 38 -4.32 -12.15 -14.08
N ARG A 39 -5.44 -12.19 -13.35
CA ARG A 39 -6.48 -11.20 -13.53
C ARG A 39 -5.95 -9.79 -13.27
N LEU A 40 -5.22 -9.62 -12.16
CA LEU A 40 -4.69 -8.31 -11.81
C LEU A 40 -3.74 -7.83 -12.88
N ARG A 41 -2.93 -8.74 -13.42
CA ARG A 41 -1.95 -8.36 -14.42
C ARG A 41 -2.63 -7.95 -15.72
N GLU A 42 -3.64 -8.71 -16.15
CA GLU A 42 -4.36 -8.44 -17.40
C GLU A 42 -5.12 -7.13 -17.34
N ALA A 43 -5.58 -6.74 -16.14
CA ALA A 43 -6.22 -5.44 -15.97
C ALA A 43 -5.24 -4.28 -15.93
N GLY A 44 -3.94 -4.54 -15.82
CA GLY A 44 -2.93 -3.52 -15.73
C GLY A 44 -2.75 -2.98 -14.32
N LEU A 45 -3.38 -3.62 -13.33
CA LEU A 45 -3.34 -3.05 -11.99
C LEU A 45 -1.97 -3.17 -11.34
N LEU A 46 -1.20 -4.21 -11.63
CA LEU A 46 0.09 -4.32 -10.96
C LEU A 46 1.19 -3.46 -11.58
N ARG A 47 0.96 -2.84 -12.75
CA ARG A 47 1.92 -1.93 -13.36
C ARG A 47 1.28 -0.59 -13.70
N ALA A 48 0.16 -0.25 -13.03
CA ALA A 48 -0.70 0.83 -13.50
C ALA A 48 0.04 2.15 -13.59
N THR A 49 0.97 2.39 -12.65
CA THR A 49 1.64 3.68 -12.52
C THR A 49 3.01 3.70 -13.17
N MET A 50 3.35 2.64 -13.93
CA MET A 50 4.61 2.69 -14.66
C MET A 50 4.47 3.61 -15.86
N PRO A 51 5.59 4.10 -16.40
CA PRO A 51 5.51 5.08 -17.48
C PRO A 51 5.11 4.43 -18.80
N ARG A 52 4.54 5.26 -19.67
CA ARG A 52 3.97 4.78 -20.91
C ARG A 52 5.01 4.06 -21.78
N GLU A 53 6.29 4.38 -21.60
CA GLU A 53 7.36 3.81 -22.41
C GLU A 53 7.53 2.31 -22.19
N VAL A 54 7.07 1.76 -21.07
CA VAL A 54 7.18 0.34 -20.81
C VAL A 54 5.86 -0.39 -21.05
N ALA A 55 4.95 0.20 -21.84
CA ALA A 55 3.65 -0.39 -22.16
C ALA A 55 2.83 -0.57 -20.88
N ALA A 56 2.52 0.57 -20.28
CA ALA A 56 1.84 0.65 -19.00
C ALA A 56 0.92 1.81 -19.05
N PRO A 57 -0.10 1.90 -18.17
CA PRO A 57 -1.12 2.93 -18.26
C PRO A 57 -0.68 4.33 -17.82
N GLU A 58 0.39 4.46 -17.06
CA GLU A 58 0.78 5.73 -16.45
C GLU A 58 -0.44 6.40 -15.83
N LEU A 59 -1.13 5.64 -14.96
CA LEU A 59 -2.43 6.02 -14.45
C LEU A 59 -2.33 7.12 -13.39
N ALA A 60 -3.23 8.10 -13.51
CA ALA A 60 -3.31 9.21 -12.58
C ALA A 60 -3.47 8.67 -11.16
N PRO A 61 -2.89 9.36 -10.18
CA PRO A 61 -2.73 8.74 -8.85
C PRO A 61 -4.06 8.52 -8.15
N GLY A 62 -4.99 9.44 -8.30
CA GLY A 62 -6.30 9.27 -7.69
C GLY A 62 -7.04 8.06 -8.23
N ARG A 63 -6.93 7.82 -9.54
CA ARG A 63 -7.54 6.63 -10.11
C ARG A 63 -6.85 5.36 -9.61
N ALA A 64 -5.52 5.37 -9.56
CA ALA A 64 -4.78 4.20 -9.10
C ALA A 64 -5.13 3.86 -7.66
N LEU A 65 -5.19 4.86 -6.80
CA LEU A 65 -5.49 4.63 -5.39
C LEU A 65 -6.94 4.18 -5.21
N ARG A 66 -7.87 4.67 -6.02
CA ARG A 66 -9.24 4.19 -5.94
C ARG A 66 -9.32 2.73 -6.32
N CYS A 67 -8.50 2.30 -7.29
CA CYS A 67 -8.47 0.88 -7.64
C CYS A 67 -7.96 0.03 -6.47
N ALA A 68 -6.88 0.48 -5.81
CA ALA A 68 -6.37 -0.28 -4.67
C ALA A 68 -7.42 -0.38 -3.57
N GLU A 69 -8.10 0.75 -3.28
CA GLU A 69 -9.16 0.75 -2.28
C GLU A 69 -10.27 -0.23 -2.64
N ALA A 70 -10.67 -0.27 -3.92
CA ALA A 70 -11.72 -1.18 -4.33
C ALA A 70 -11.32 -2.64 -4.13
N VAL A 71 -10.09 -2.99 -4.54
CA VAL A 71 -9.64 -4.36 -4.34
C VAL A 71 -9.56 -4.70 -2.86
N ALA A 72 -9.12 -3.75 -2.03
CA ALA A 72 -9.03 -4.03 -0.59
C ALA A 72 -10.39 -4.29 0.06
N ARG A 73 -11.46 -3.65 -0.43
CA ARG A 73 -12.82 -3.95 0.03
C ARG A 73 -13.17 -5.44 -0.21
N GLY A 74 -12.70 -6.00 -1.32
CA GLY A 74 -12.89 -7.43 -1.53
C GLY A 74 -12.04 -8.27 -0.59
N ASP A 75 -10.74 -7.95 -0.52
CA ASP A 75 -9.84 -8.63 0.40
C ASP A 75 -8.68 -7.69 0.71
N ALA A 76 -8.41 -7.47 2.00
CA ALA A 76 -7.41 -6.45 2.32
C ALA A 76 -6.03 -6.81 1.81
N SER A 77 -5.65 -8.10 1.90
CA SER A 77 -4.32 -8.50 1.42
C SER A 77 -4.18 -8.29 -0.08
N ALA A 78 -5.21 -8.65 -0.86
CA ALA A 78 -5.15 -8.40 -2.29
C ALA A 78 -5.04 -6.91 -2.57
N GLY A 79 -5.79 -6.09 -1.83
CA GLY A 79 -5.71 -4.64 -2.01
C GLY A 79 -4.34 -4.10 -1.66
N TRP A 80 -3.79 -4.57 -0.54
CA TRP A 80 -2.46 -4.15 -0.11
C TRP A 80 -1.42 -4.51 -1.16
N CYS A 81 -1.56 -5.69 -1.79
CA CYS A 81 -0.60 -6.03 -2.85
C CYS A 81 -0.76 -5.05 -4.02
N VAL A 82 -1.96 -4.59 -4.38
CA VAL A 82 -2.07 -3.55 -5.41
C VAL A 82 -1.36 -2.28 -4.94
N SER A 83 -1.64 -1.85 -3.71
CA SER A 83 -1.00 -0.64 -3.19
C SER A 83 0.52 -0.70 -3.32
N ILE A 84 1.12 -1.81 -2.89
CA ILE A 84 2.58 -1.90 -2.90
C ILE A 84 3.09 -1.98 -4.33
N ALA A 85 2.36 -2.67 -5.20
CA ALA A 85 2.78 -2.75 -6.61
C ALA A 85 2.74 -1.38 -7.28
N ILE A 86 1.67 -0.59 -7.07
CA ILE A 86 1.56 0.69 -7.75
C ILE A 86 2.50 1.72 -7.14
N THR A 87 2.85 1.62 -5.84
CA THR A 87 3.88 2.48 -5.28
C THR A 87 5.26 2.12 -5.84
N SER A 88 5.61 0.83 -5.81
CA SER A 88 6.92 0.39 -6.30
C SER A 88 7.07 0.71 -7.78
N ALA A 89 5.98 0.62 -8.53
CA ALA A 89 5.99 0.92 -9.96
C ALA A 89 6.46 2.32 -10.26
N LEU A 90 6.24 3.29 -9.35
CA LEU A 90 6.68 4.66 -9.61
C LEU A 90 8.17 4.73 -9.84
N LEU A 91 8.94 3.87 -9.17
CA LEU A 91 10.39 3.89 -9.24
C LEU A 91 10.90 3.46 -10.61
N VAL A 92 10.03 2.86 -11.42
CA VAL A 92 10.42 2.56 -12.81
C VAL A 92 10.77 3.85 -13.55
N ALA A 93 10.17 4.99 -13.15
CA ALA A 93 10.44 6.29 -13.75
C ALA A 93 11.79 6.87 -13.33
N TYR A 94 12.49 6.24 -12.39
CA TYR A 94 13.77 6.70 -11.88
C TYR A 94 14.95 5.94 -12.50
N LEU A 95 14.68 4.90 -13.28
CA LEU A 95 15.68 4.08 -13.95
C LEU A 95 16.13 4.73 -15.27
N PRO A 96 17.43 4.68 -15.58
CA PRO A 96 17.86 5.03 -16.94
C PRO A 96 17.13 4.19 -17.97
N ALA A 97 17.01 4.74 -19.18
CA ALA A 97 16.22 4.09 -20.24
C ALA A 97 16.67 2.66 -20.54
N ARG A 98 17.97 2.42 -20.70
CA ARG A 98 18.51 1.05 -20.90
C ARG A 98 18.04 0.06 -19.81
N SER A 99 18.30 0.29 -18.53
CA SER A 99 17.85 -0.71 -17.55
C SER A 99 16.32 -0.74 -17.42
N ARG A 100 15.64 0.41 -17.60
CA ARG A 100 14.19 0.40 -17.60
C ARG A 100 13.64 -0.54 -18.66
N GLU A 101 14.16 -0.45 -19.88
CA GLU A 101 13.73 -1.32 -20.96
C GLU A 101 14.04 -2.78 -20.64
N GLU A 102 15.21 -3.03 -20.07
CA GLU A 102 15.66 -4.38 -19.81
C GLU A 102 14.69 -5.07 -18.84
N MET A 103 14.33 -4.36 -17.76
CA MET A 103 13.56 -4.96 -16.67
C MET A 103 12.06 -4.85 -16.85
N PHE A 104 11.59 -3.77 -17.53
CA PHE A 104 10.16 -3.53 -17.61
C PHE A 104 9.64 -3.29 -19.03
N GLY A 105 10.46 -3.44 -20.07
CA GLY A 105 10.02 -3.13 -21.41
C GLY A 105 8.97 -4.08 -21.93
N GLY A 106 8.14 -3.56 -22.84
CA GLY A 106 7.15 -4.37 -23.52
C GLY A 106 6.14 -5.03 -22.61
N GLY A 107 5.83 -4.43 -21.47
CA GLY A 107 4.79 -4.97 -20.63
C GLY A 107 5.27 -5.91 -19.56
N ARG A 108 6.58 -6.13 -19.46
CA ARG A 108 7.15 -7.07 -18.50
C ARG A 108 7.42 -6.40 -17.16
N GLY A 109 7.51 -7.23 -16.13
CA GLY A 109 8.01 -6.77 -14.85
C GLY A 109 6.95 -6.26 -13.89
N VAL A 110 6.89 -6.87 -12.72
CA VAL A 110 6.11 -6.37 -11.59
C VAL A 110 7.09 -6.08 -10.47
N ALA A 111 6.92 -4.94 -9.81
CA ALA A 111 7.84 -4.50 -8.80
C ALA A 111 7.31 -4.64 -7.38
N ALA A 112 8.21 -5.00 -6.49
CA ALA A 112 8.09 -4.89 -5.05
C ALA A 112 9.10 -3.85 -4.60
N GLY A 113 9.01 -3.48 -3.33
CA GLY A 113 9.87 -2.42 -2.88
C GLY A 113 9.88 -2.28 -1.38
N VAL A 114 11.08 -2.24 -0.81
CA VAL A 114 11.26 -1.97 0.60
C VAL A 114 12.14 -0.74 0.72
N TRP A 115 11.62 0.28 1.39
CA TRP A 115 12.29 1.56 1.47
C TRP A 115 13.38 1.58 2.54
N ALA A 116 13.24 0.77 3.58
CA ALA A 116 14.21 0.79 4.67
C ALA A 116 15.60 0.55 4.09
N PRO A 117 16.58 1.43 4.34
CA PRO A 117 17.90 1.25 3.74
C PRO A 117 18.77 0.26 4.52
N ARG A 118 18.33 -1.01 4.47
CA ARG A 118 19.03 -2.08 5.16
C ARG A 118 20.26 -2.58 4.42
N GLY A 119 20.36 -2.29 3.13
CA GLY A 119 21.45 -2.82 2.34
C GLY A 119 22.74 -2.04 2.56
N THR A 120 23.85 -2.74 2.44
CA THR A 120 25.17 -2.13 2.37
C THR A 120 25.73 -2.44 1.00
N ALA A 121 26.06 -1.41 0.24
CA ALA A 121 26.55 -1.57 -1.13
C ALA A 121 27.95 -0.97 -1.20
N ARG A 122 28.88 -1.72 -1.78
CA ARG A 122 30.23 -1.25 -2.02
C ARG A 122 30.41 -1.06 -3.52
N SER A 123 31.05 0.04 -3.91
CA SER A 123 31.29 0.31 -5.32
C SER A 123 32.36 -0.64 -5.86
N VAL A 124 32.17 -1.07 -7.10
CA VAL A 124 33.14 -1.86 -7.82
C VAL A 124 33.12 -1.41 -9.28
N ASP A 125 34.02 -1.96 -10.06
CA ASP A 125 34.02 -1.70 -11.49
C ASP A 125 32.66 -2.08 -12.07
N GLY A 126 31.92 -1.09 -12.55
CA GLY A 126 30.68 -1.31 -13.25
C GLY A 126 29.42 -1.13 -12.44
N GLY A 127 29.52 -0.98 -11.12
CA GLY A 127 28.35 -0.82 -10.27
C GLY A 127 28.61 -0.94 -8.79
N VAL A 128 27.82 -1.75 -8.08
CA VAL A 128 28.02 -1.98 -6.66
C VAL A 128 27.79 -3.47 -6.37
N VAL A 129 28.27 -3.90 -5.21
CA VAL A 129 27.95 -5.21 -4.65
C VAL A 129 27.22 -4.98 -3.34
N VAL A 130 26.01 -5.52 -3.23
CA VAL A 130 25.12 -5.17 -2.13
C VAL A 130 24.76 -6.41 -1.34
N SER A 131 24.70 -6.26 -0.02
CA SER A 131 24.23 -7.27 0.89
C SER A 131 23.28 -6.64 1.90
N GLY A 132 22.34 -7.44 2.39
CA GLY A 132 21.40 -6.96 3.37
C GLY A 132 20.23 -7.89 3.51
N ARG A 133 19.44 -7.63 4.54
CA ARG A 133 18.22 -8.36 4.79
C ARG A 133 17.08 -7.37 4.99
N TRP A 134 16.01 -7.51 4.23
CA TRP A 134 14.89 -6.59 4.30
C TRP A 134 13.64 -7.34 4.72
N PRO A 135 12.99 -6.97 5.83
CA PRO A 135 11.65 -7.50 6.12
C PRO A 135 10.60 -6.72 5.34
N PHE A 136 9.40 -7.28 5.39
CA PHE A 136 8.16 -6.63 4.92
C PHE A 136 8.14 -6.50 3.41
N CYS A 137 8.66 -7.51 2.70
CA CYS A 137 8.70 -7.43 1.24
C CYS A 137 7.36 -7.88 0.66
N SER A 138 6.35 -7.03 0.85
CA SER A 138 5.03 -7.38 0.34
C SER A 138 5.04 -7.69 -1.16
N GLY A 139 4.34 -8.74 -1.54
CA GLY A 139 4.14 -9.07 -2.94
C GLY A 139 5.32 -9.77 -3.58
N ILE A 140 6.38 -10.03 -2.84
CA ILE A 140 7.56 -10.66 -3.42
C ILE A 140 7.19 -11.97 -4.09
N ASN A 141 6.11 -12.62 -3.63
CA ASN A 141 5.74 -13.90 -4.23
C ASN A 141 5.39 -13.75 -5.70
N HIS A 142 4.92 -12.57 -6.13
CA HIS A 142 4.56 -12.36 -7.53
C HIS A 142 5.30 -11.21 -8.21
N ALA A 143 6.30 -10.66 -7.58
CA ALA A 143 7.11 -9.62 -8.18
C ALA A 143 8.36 -10.22 -8.81
N ASP A 144 8.83 -9.56 -9.87
CA ASP A 144 10.05 -9.94 -10.58
C ASP A 144 11.25 -9.15 -10.10
N ILE A 145 11.02 -7.91 -9.68
CA ILE A 145 12.05 -6.93 -9.35
C ILE A 145 11.69 -6.39 -7.99
N MET A 146 12.69 -6.21 -7.12
CA MET A 146 12.49 -5.54 -5.85
C MET A 146 13.43 -4.34 -5.77
N PHE A 147 12.84 -3.16 -5.65
CA PHE A 147 13.59 -1.97 -5.35
C PHE A 147 13.89 -1.97 -3.86
N ALA A 148 15.17 -1.88 -3.49
CA ALA A 148 15.55 -2.01 -2.09
C ALA A 148 16.47 -0.88 -1.67
N GLY A 149 16.19 -0.34 -0.48
CA GLY A 149 17.04 0.72 0.07
C GLY A 149 18.38 0.20 0.55
N CYS A 150 19.42 1.01 0.35
CA CYS A 150 20.76 0.67 0.82
C CYS A 150 21.55 1.96 0.97
N PHE A 151 22.68 1.86 1.66
CA PHE A 151 23.68 2.92 1.68
C PHE A 151 24.85 2.48 0.83
N VAL A 152 25.30 3.34 -0.05
CA VAL A 152 26.49 3.10 -0.84
C VAL A 152 27.67 3.80 -0.18
N ASP A 153 28.82 3.19 -0.40
CA ASP A 153 30.02 3.26 0.44
C ASP A 153 29.89 4.20 1.62
N ASP A 154 30.35 5.43 1.44
CA ASP A 154 30.45 6.42 2.50
C ASP A 154 29.20 7.26 2.66
N ARG A 155 28.36 7.28 1.64
CA ARG A 155 27.19 8.13 1.62
C ARG A 155 26.31 8.04 2.86
N GLN A 156 25.86 9.20 3.32
CA GLN A 156 24.89 9.31 4.41
C GLN A 156 23.47 9.48 3.92
N VAL A 157 23.27 9.77 2.65
CA VAL A 157 21.94 9.76 2.01
C VAL A 157 21.75 8.43 1.34
N PRO A 158 20.69 7.68 1.64
CA PRO A 158 20.56 6.32 1.12
C PRO A 158 20.20 6.30 -0.36
N SER A 159 20.42 5.14 -0.98
CA SER A 159 20.15 4.89 -2.39
C SER A 159 19.15 3.76 -2.54
N VAL A 160 18.74 3.50 -3.79
CA VAL A 160 17.89 2.37 -4.12
C VAL A 160 18.59 1.52 -5.16
N VAL A 161 18.58 0.20 -4.97
CA VAL A 161 19.07 -0.75 -5.97
C VAL A 161 17.89 -1.54 -6.50
N ALA A 162 17.88 -1.79 -7.81
CA ALA A 162 16.84 -2.59 -8.44
C ALA A 162 17.36 -4.02 -8.59
N LEU A 163 16.81 -4.93 -7.79
CA LEU A 163 17.28 -6.31 -7.69
C LEU A 163 16.32 -7.26 -8.39
N ASN A 164 16.86 -8.28 -9.06
CA ASN A 164 16.03 -9.36 -9.57
C ASN A 164 15.72 -10.31 -8.42
N LYS A 165 14.47 -10.75 -8.34
CA LYS A 165 14.12 -11.64 -7.24
C LYS A 165 15.00 -12.88 -7.26
N ASP A 166 15.36 -13.34 -8.47
CA ASP A 166 16.30 -14.41 -8.75
C ASP A 166 17.52 -14.43 -7.85
N GLU A 167 18.02 -13.24 -7.57
CA GLU A 167 19.28 -12.99 -6.90
C GLU A 167 19.12 -12.96 -5.39
N LEU A 168 17.88 -13.05 -4.90
CA LEU A 168 17.59 -12.94 -3.49
C LEU A 168 17.20 -14.28 -2.91
N GLN A 169 17.46 -14.45 -1.63
CA GLN A 169 16.92 -15.55 -0.85
C GLN A 169 15.67 -15.06 -0.14
N VAL A 170 14.53 -15.68 -0.43
CA VAL A 170 13.29 -15.35 0.28
C VAL A 170 13.14 -16.28 1.47
N LEU A 171 13.07 -15.70 2.66
CA LEU A 171 12.95 -16.44 3.91
C LEU A 171 11.50 -16.45 4.36
N ASP A 172 11.05 -17.59 4.87
CA ASP A 172 9.66 -17.77 5.30
C ASP A 172 9.49 -17.20 6.70
N THR A 173 9.19 -15.90 6.76
CA THR A 173 9.07 -15.18 8.02
C THR A 173 7.70 -14.57 8.21
N TRP A 174 6.85 -14.59 7.19
CA TRP A 174 5.59 -13.83 7.29
C TRP A 174 4.54 -14.70 7.97
N HIS A 175 4.58 -14.69 9.30
CA HIS A 175 3.63 -15.39 10.16
C HIS A 175 3.06 -14.29 11.06
N THR A 176 1.86 -13.81 10.74
CA THR A 176 1.39 -12.52 11.25
C THR A 176 -0.08 -12.57 11.63
N LEU A 177 -0.46 -11.57 12.42
CA LEU A 177 -1.85 -11.43 12.83
C LEU A 177 -2.80 -11.40 11.64
N GLY A 178 -2.54 -10.48 10.72
CA GLY A 178 -3.30 -10.30 9.51
C GLY A 178 -2.43 -9.95 8.30
N LEU A 179 -3.10 -9.46 7.25
CA LEU A 179 -2.50 -9.26 5.93
C LEU A 179 -1.67 -10.47 5.56
N ARG A 180 -2.21 -11.66 5.88
CA ARG A 180 -1.42 -12.87 5.66
C ARG A 180 -1.15 -13.12 4.17
N GLY A 181 -2.10 -12.80 3.31
CA GLY A 181 -1.97 -13.01 1.87
C GLY A 181 -0.94 -12.12 1.20
N THR A 182 -0.47 -11.07 1.88
CA THR A 182 0.58 -10.22 1.31
C THR A 182 1.93 -10.90 1.23
N GLY A 183 2.13 -12.02 1.94
CA GLY A 183 3.40 -12.74 1.88
C GLY A 183 4.59 -11.82 2.01
N SER A 184 4.61 -10.98 3.05
CA SER A 184 5.60 -9.90 3.18
C SER A 184 6.83 -10.43 3.89
N HIS A 185 7.47 -11.40 3.22
CA HIS A 185 8.55 -12.17 3.83
C HIS A 185 9.86 -11.42 3.90
N ASP A 186 10.99 -12.02 4.38
CA ASP A 186 12.20 -11.15 4.54
C ASP A 186 12.85 -11.55 3.29
N CYS A 187 13.65 -10.69 2.70
CA CYS A 187 14.51 -11.07 1.58
C CYS A 187 15.97 -10.80 1.91
N VAL A 188 16.89 -11.66 1.44
CA VAL A 188 18.31 -11.53 1.72
C VAL A 188 19.08 -11.42 0.41
N ALA A 189 19.96 -10.43 0.34
CA ALA A 189 20.96 -10.33 -0.73
C ALA A 189 22.32 -10.69 -0.12
N ASP A 190 23.04 -11.58 -0.78
CA ASP A 190 24.39 -11.96 -0.38
C ASP A 190 25.37 -11.63 -1.49
N ASP A 191 26.06 -10.50 -1.35
CA ASP A 191 27.08 -10.05 -2.28
C ASP A 191 26.57 -10.11 -3.73
N VAL A 192 25.47 -9.40 -3.96
CA VAL A 192 24.84 -9.35 -5.28
C VAL A 192 25.43 -8.17 -6.03
N PHE A 193 25.87 -8.41 -7.26
CA PHE A 193 26.35 -7.34 -8.11
C PHE A 193 25.17 -6.65 -8.79
N VAL A 194 25.15 -5.33 -8.73
CA VAL A 194 24.14 -4.51 -9.39
C VAL A 194 24.85 -3.53 -10.31
N PRO A 195 24.58 -3.56 -11.62
CA PRO A 195 25.19 -2.56 -12.52
C PRO A 195 24.83 -1.15 -12.08
N ALA A 196 25.73 -0.21 -12.39
CA ALA A 196 25.53 1.15 -11.95
C ALA A 196 24.18 1.72 -12.38
N ASP A 197 23.68 1.33 -13.55
CA ASP A 197 22.45 1.92 -14.05
C ASP A 197 21.19 1.32 -13.42
N ARG A 198 21.36 0.45 -12.42
CA ARG A 198 20.27 0.01 -11.57
C ARG A 198 20.42 0.50 -10.13
N VAL A 199 21.25 1.52 -9.93
CA VAL A 199 21.43 2.18 -8.64
C VAL A 199 21.02 3.63 -8.83
N PHE A 200 20.16 4.14 -7.95
CA PHE A 200 19.77 5.54 -8.04
C PHE A 200 19.40 6.04 -6.65
N SER A 201 19.21 7.35 -6.57
CA SER A 201 18.74 8.03 -5.38
C SER A 201 17.37 8.64 -5.66
N VAL A 202 16.39 8.28 -4.82
CA VAL A 202 15.07 8.89 -4.94
C VAL A 202 15.15 10.41 -4.85
N PHE A 203 16.06 10.92 -4.01
CA PHE A 203 16.17 12.36 -3.78
C PHE A 203 16.67 13.12 -5.00
N ASP A 204 17.23 12.43 -6.01
CA ASP A 204 17.62 13.09 -7.25
C ASP A 204 16.45 13.28 -8.21
N GLY A 205 15.33 12.61 -7.97
CA GLY A 205 14.15 12.78 -8.77
C GLY A 205 14.09 11.82 -9.93
N PRO A 206 12.92 11.76 -10.59
CA PRO A 206 12.73 10.78 -11.66
C PRO A 206 13.48 11.17 -12.93
N ILE A 207 13.74 10.15 -13.75
CA ILE A 207 14.22 10.39 -15.11
C ILE A 207 13.06 10.78 -16.02
N VAL A 208 11.93 10.09 -15.89
CA VAL A 208 10.72 10.47 -16.60
C VAL A 208 10.05 11.60 -15.82
N ASP A 209 10.12 12.82 -16.36
CA ASP A 209 9.68 14.01 -15.65
C ASP A 209 8.30 14.45 -16.16
N ARG A 210 7.29 13.66 -15.82
CA ARG A 210 5.91 13.96 -16.17
C ARG A 210 5.09 14.02 -14.87
N PRO A 211 3.84 14.47 -14.94
CA PRO A 211 3.12 14.81 -13.69
C PRO A 211 3.01 13.66 -12.70
N LEU A 212 2.73 12.43 -13.16
CA LEU A 212 2.61 11.31 -12.22
C LEU A 212 3.85 11.18 -11.34
N TYR A 213 5.04 11.48 -11.86
CA TYR A 213 6.29 11.33 -11.11
C TYR A 213 6.69 12.63 -10.41
N ARG A 214 5.97 13.74 -10.68
CA ARG A 214 6.07 14.92 -9.84
C ARG A 214 5.20 14.80 -8.58
N PHE A 215 4.15 14.01 -8.65
CA PHE A 215 3.34 13.79 -7.45
C PHE A 215 4.24 13.24 -6.34
N PRO A 216 4.04 13.68 -5.11
CA PRO A 216 4.98 13.34 -4.03
C PRO A 216 5.06 11.82 -3.84
N VAL A 217 6.27 11.29 -4.02
CA VAL A 217 6.43 9.84 -4.03
C VAL A 217 6.24 9.25 -2.62
N PHE A 218 6.77 9.90 -1.59
CA PHE A 218 6.59 9.39 -0.23
C PHE A 218 5.14 9.56 0.23
N GLY A 219 4.50 10.63 -0.26
CA GLY A 219 3.08 10.83 -0.02
C GLY A 219 2.24 9.75 -0.67
N PHE A 220 2.57 9.40 -1.92
CA PHE A 220 1.85 8.32 -2.60
C PHE A 220 1.98 7.01 -1.83
N PHE A 221 3.17 6.66 -1.38
CA PHE A 221 3.37 5.44 -0.62
C PHE A 221 2.46 5.43 0.61
N ALA A 222 2.49 6.51 1.40
CA ALA A 222 1.62 6.58 2.58
C ALA A 222 0.16 6.44 2.19
N LEU A 223 -0.25 7.16 1.16
CA LEU A 223 -1.63 7.13 0.73
C LEU A 223 -2.05 5.74 0.27
N SER A 224 -1.14 4.97 -0.33
CA SER A 224 -1.52 3.64 -0.77
C SER A 224 -1.87 2.73 0.41
N ILE A 225 -1.21 2.92 1.55
CA ILE A 225 -1.57 2.17 2.74
C ILE A 225 -2.92 2.63 3.24
N GLY A 226 -3.16 3.94 3.20
CA GLY A 226 -4.49 4.45 3.52
C GLY A 226 -5.59 3.86 2.65
N ALA A 227 -5.33 3.73 1.34
CA ALA A 227 -6.32 3.17 0.45
C ALA A 227 -6.73 1.77 0.88
N ALA A 228 -5.74 0.92 1.20
CA ALA A 228 -6.05 -0.44 1.62
C ALA A 228 -6.82 -0.43 2.93
N ALA A 229 -6.42 0.42 3.86
CA ALA A 229 -7.11 0.50 5.13
C ALA A 229 -8.55 0.94 4.97
N LEU A 230 -8.78 1.92 4.12
CA LEU A 230 -10.12 2.47 3.91
C LEU A 230 -11.05 1.44 3.29
N GLY A 231 -10.54 0.70 2.29
CA GLY A 231 -11.36 -0.34 1.68
C GLY A 231 -11.69 -1.46 2.67
N ASN A 232 -10.72 -1.85 3.47
CA ASN A 232 -10.98 -2.83 4.52
C ASN A 232 -12.05 -2.35 5.50
N ALA A 233 -12.00 -1.08 5.91
CA ALA A 233 -12.99 -0.58 6.87
C ALA A 233 -14.38 -0.54 6.26
N ARG A 234 -14.48 -0.18 4.96
CA ARG A 234 -15.78 -0.21 4.30
C ARG A 234 -16.35 -1.63 4.35
N ALA A 235 -15.53 -2.62 4.04
CA ALA A 235 -15.98 -4.02 4.09
C ALA A 235 -16.45 -4.39 5.48
N ALA A 236 -15.75 -3.91 6.51
CA ALA A 236 -16.14 -4.20 7.87
C ALA A 236 -17.52 -3.63 8.21
N ILE A 237 -17.81 -2.40 7.79
CA ILE A 237 -19.12 -1.84 8.04
C ILE A 237 -20.17 -2.68 7.33
N ASP A 238 -19.90 -3.02 6.08
CA ASP A 238 -20.85 -3.82 5.31
C ASP A 238 -21.10 -5.16 6.00
N ASP A 239 -20.04 -5.78 6.56
CA ASP A 239 -20.22 -7.03 7.29
C ASP A 239 -21.13 -6.84 8.49
N LEU A 240 -20.91 -5.78 9.27
CA LEU A 240 -21.77 -5.51 10.42
C LEU A 240 -23.19 -5.37 10.04
N VAL A 241 -23.43 -4.53 9.06
CA VAL A 241 -24.78 -4.18 8.71
C VAL A 241 -25.53 -5.42 8.29
N GLU A 242 -24.87 -6.28 7.52
CA GLU A 242 -25.48 -7.55 7.12
C GLU A 242 -25.79 -8.42 8.34
N LEU A 243 -24.85 -8.53 9.27
CA LEU A 243 -25.07 -9.35 10.45
C LEU A 243 -26.19 -8.80 11.32
N ALA A 244 -26.26 -7.48 11.47
CA ALA A 244 -27.23 -6.91 12.38
C ALA A 244 -28.62 -6.98 11.73
N GLY A 245 -29.63 -6.98 12.57
CA GLY A 245 -30.99 -7.22 12.10
C GLY A 245 -31.38 -8.68 12.09
N GLY A 246 -30.50 -9.56 11.62
CA GLY A 246 -30.74 -10.98 11.69
C GLY A 246 -30.25 -11.61 12.97
N LYS A 247 -29.32 -10.94 13.66
CA LYS A 247 -28.76 -11.47 14.90
C LYS A 247 -29.74 -11.24 16.05
N LYS A 248 -30.42 -12.29 16.49
CA LYS A 248 -31.54 -12.16 17.39
C LYS A 248 -31.19 -12.36 18.86
N GLY A 249 -30.22 -13.20 19.22
CA GLY A 249 -29.92 -13.41 20.64
C GLY A 249 -30.95 -14.29 21.30
N LEU A 250 -30.84 -14.51 22.61
CA LEU A 250 -31.75 -15.46 23.23
C LEU A 250 -32.59 -14.91 24.38
N GLY A 251 -32.27 -13.74 24.93
CA GLY A 251 -33.20 -13.07 25.81
C GLY A 251 -34.46 -12.70 25.05
N THR A 252 -35.42 -12.03 25.69
CA THR A 252 -36.62 -11.57 25.02
C THR A 252 -36.55 -10.09 24.60
N THR A 253 -35.35 -9.49 24.60
CA THR A 253 -35.06 -8.38 23.70
C THR A 253 -34.95 -8.95 22.27
N ARG A 254 -34.65 -8.08 21.30
CA ARG A 254 -34.58 -8.58 19.93
C ARG A 254 -33.26 -8.18 19.27
N THR A 255 -33.28 -7.84 17.99
CA THR A 255 -32.09 -7.98 17.17
C THR A 255 -31.02 -6.93 17.53
N LEU A 256 -29.80 -7.19 17.08
CA LEU A 256 -28.71 -6.26 17.31
C LEU A 256 -28.99 -4.92 16.66
N ALA A 257 -29.62 -4.95 15.46
CA ALA A 257 -29.89 -3.72 14.76
C ALA A 257 -30.95 -2.88 15.45
N GLU A 258 -31.75 -3.48 16.33
CA GLU A 258 -32.80 -2.73 17.02
C GLU A 258 -32.30 -2.01 18.28
N ARG A 259 -31.05 -2.19 18.66
CA ARG A 259 -30.52 -1.49 19.84
C ARG A 259 -30.04 -0.10 19.46
N SER A 260 -30.42 0.89 20.28
CA SER A 260 -29.99 2.27 20.07
C SER A 260 -28.49 2.38 19.95
N ALA A 261 -27.76 1.62 20.76
CA ALA A 261 -26.30 1.73 20.75
C ALA A 261 -25.73 1.30 19.41
N THR A 262 -26.32 0.26 18.80
CA THR A 262 -25.86 -0.21 17.50
C THR A 262 -26.09 0.87 16.45
N GLN A 263 -27.27 1.49 16.52
CA GLN A 263 -27.61 2.53 15.56
C GLN A 263 -26.66 3.71 15.67
N ALA A 264 -26.40 4.16 16.89
CA ALA A 264 -25.52 5.31 17.06
C ALA A 264 -24.11 4.96 16.61
N ALA A 265 -23.66 3.74 16.91
CA ALA A 265 -22.32 3.33 16.51
C ALA A 265 -22.21 3.19 15.00
N ALA A 266 -23.23 2.65 14.34
CA ALA A 266 -23.22 2.56 12.88
C ALA A 266 -23.11 3.96 12.27
N ALA A 267 -23.90 4.91 12.78
CA ALA A 267 -23.82 6.26 12.24
C ALA A 267 -22.46 6.89 12.49
N THR A 268 -21.92 6.71 13.70
CA THR A 268 -20.64 7.29 14.03
C THR A 268 -19.56 6.73 13.09
N ALA A 269 -19.61 5.41 12.84
CA ALA A 269 -18.58 4.80 12.00
C ALA A 269 -18.71 5.20 10.56
N GLU A 270 -19.95 5.22 10.05
CA GLU A 270 -20.20 5.60 8.66
C GLU A 270 -19.72 7.03 8.40
N SER A 271 -20.02 7.98 9.30
CA SER A 271 -19.60 9.35 9.05
C SER A 271 -18.09 9.50 9.24
N ALA A 272 -17.50 8.80 10.22
CA ALA A 272 -16.06 8.90 10.39
C ALA A 272 -15.30 8.38 9.18
N LEU A 273 -15.72 7.21 8.66
CA LEU A 273 -15.10 6.66 7.48
C LEU A 273 -15.34 7.54 6.26
N GLY A 274 -16.57 8.06 6.11
CA GLY A 274 -16.85 8.91 4.97
C GLY A 274 -15.99 10.17 4.99
N ALA A 275 -15.80 10.73 6.19
CA ALA A 275 -15.00 11.93 6.34
C ALA A 275 -13.54 11.64 6.01
N ALA A 276 -12.99 10.54 6.52
CA ALA A 276 -11.61 10.17 6.19
C ALA A 276 -11.42 9.97 4.69
N ARG A 277 -12.37 9.32 4.07
CA ARG A 277 -12.29 9.07 2.63
C ARG A 277 -12.40 10.36 1.84
N ALA A 278 -13.28 11.24 2.26
CA ALA A 278 -13.43 12.50 1.56
C ALA A 278 -12.17 13.34 1.63
N LEU A 279 -11.52 13.41 2.81
CA LEU A 279 -10.25 14.14 2.91
C LEU A 279 -9.19 13.50 2.02
N PHE A 280 -9.08 12.16 2.08
CA PHE A 280 -8.12 11.39 1.29
C PHE A 280 -8.17 11.79 -0.19
N TYR A 281 -9.36 11.75 -0.80
CA TYR A 281 -9.45 12.05 -2.23
C TYR A 281 -9.34 13.55 -2.48
N GLU A 282 -9.78 14.39 -1.54
CA GLU A 282 -9.59 15.83 -1.70
C GLU A 282 -8.12 16.22 -1.80
N VAL A 283 -7.28 15.72 -0.89
CA VAL A 283 -5.87 16.11 -0.92
C VAL A 283 -5.15 15.50 -2.12
N ILE A 284 -5.52 14.28 -2.53
CA ILE A 284 -4.90 13.71 -3.72
C ILE A 284 -5.14 14.61 -4.94
N GLU A 285 -6.39 15.06 -5.10
CA GLU A 285 -6.75 15.87 -6.26
C GLU A 285 -6.03 17.21 -6.22
N ALA A 286 -5.94 17.83 -5.04
CA ALA A 286 -5.22 19.08 -4.89
C ALA A 286 -3.74 18.92 -5.27
N ALA A 287 -3.12 17.85 -4.82
CA ALA A 287 -1.72 17.61 -5.14
C ALA A 287 -1.57 17.25 -6.61
N TRP A 288 -2.54 16.53 -7.17
CA TRP A 288 -2.45 16.17 -8.58
C TRP A 288 -2.48 17.42 -9.45
N GLN A 289 -3.32 18.39 -9.09
CA GLN A 289 -3.39 19.60 -9.88
C GLN A 289 -2.03 20.29 -9.94
N VAL A 290 -1.37 20.44 -8.80
CA VAL A 290 -0.10 21.16 -8.82
C VAL A 290 1.06 20.32 -9.29
N SER A 291 0.88 19.00 -9.40
CA SER A 291 1.91 18.19 -10.03
C SER A 291 2.13 18.54 -11.50
N HIS A 292 1.24 19.34 -12.07
CA HIS A 292 1.33 19.78 -13.46
C HIS A 292 2.09 21.09 -13.59
N ASP A 293 2.47 21.68 -12.49
CA ASP A 293 3.13 22.98 -12.48
C ASP A 293 4.65 22.83 -12.52
N ALA A 294 5.30 23.93 -12.88
CA ALA A 294 6.73 23.85 -13.09
C ALA A 294 7.52 23.54 -11.82
N GLU A 295 7.12 24.11 -10.68
CA GLU A 295 7.85 23.94 -9.43
C GLU A 295 7.49 22.61 -8.76
N ALA A 296 8.41 22.11 -7.96
CA ALA A 296 8.16 20.90 -7.19
C ALA A 296 6.92 21.11 -6.32
N VAL A 297 6.14 20.04 -6.16
CA VAL A 297 4.98 20.15 -5.28
C VAL A 297 5.43 20.60 -3.91
N PRO A 298 4.82 21.65 -3.35
CA PRO A 298 5.35 22.29 -2.15
C PRO A 298 5.14 21.46 -0.91
N VAL A 299 5.89 21.83 0.12
CA VAL A 299 5.86 21.13 1.41
C VAL A 299 4.47 21.18 2.02
N THR A 300 3.79 22.33 1.94
CA THR A 300 2.45 22.41 2.50
C THR A 300 1.54 21.33 1.90
N MET A 301 1.66 21.11 0.59
CA MET A 301 0.83 20.10 -0.07
C MET A 301 1.25 18.70 0.33
N ARG A 302 2.56 18.46 0.36
CA ARG A 302 3.07 17.16 0.79
C ARG A 302 2.60 16.87 2.21
N ASN A 303 2.56 17.92 3.03
CA ASN A 303 2.12 17.71 4.41
C ASN A 303 0.66 17.27 4.49
N ARG A 304 -0.19 17.85 3.66
CA ARG A 304 -1.60 17.48 3.64
C ARG A 304 -1.77 16.01 3.28
N LEU A 305 -0.94 15.49 2.36
CA LEU A 305 -1.03 14.08 1.98
C LEU A 305 -0.72 13.16 3.15
N ARG A 306 0.32 13.50 3.92
CA ARG A 306 0.73 12.66 5.04
C ARG A 306 -0.27 12.74 6.18
N LEU A 307 -0.85 13.94 6.40
CA LEU A 307 -1.89 14.09 7.41
C LEU A 307 -3.08 13.20 7.09
N ALA A 308 -3.51 13.23 5.81
CA ALA A 308 -4.68 12.48 5.40
C ALA A 308 -4.43 10.98 5.39
N ALA A 309 -3.23 10.54 4.99
CA ALA A 309 -2.93 9.11 4.97
C ALA A 309 -2.99 8.51 6.37
N THR A 310 -2.33 9.16 7.34
CA THR A 310 -2.33 8.66 8.71
C THR A 310 -3.74 8.69 9.30
N HIS A 311 -4.45 9.80 9.12
CA HIS A 311 -5.83 9.85 9.58
C HIS A 311 -6.67 8.72 8.97
N ALA A 312 -6.47 8.44 7.69
CA ALA A 312 -7.24 7.36 7.09
C ALA A 312 -6.96 6.01 7.74
N VAL A 313 -5.68 5.68 7.98
CA VAL A 313 -5.35 4.37 8.53
C VAL A 313 -5.87 4.25 9.96
N ARG A 314 -5.67 5.29 10.76
CA ARG A 314 -6.06 5.25 12.17
C ARG A 314 -7.58 5.27 12.33
N THR A 315 -8.26 6.09 11.53
CA THR A 315 -9.71 6.11 11.57
C THR A 315 -10.27 4.77 11.14
N SER A 316 -9.70 4.18 10.09
CA SER A 316 -10.13 2.88 9.60
C SER A 316 -10.03 1.82 10.71
N ALA A 317 -8.95 1.83 11.46
CA ALA A 317 -8.81 0.85 12.54
C ALA A 317 -9.88 1.07 13.62
N ASP A 318 -10.16 2.33 13.96
CA ASP A 318 -11.18 2.65 14.95
C ASP A 318 -12.55 2.13 14.47
N VAL A 319 -12.87 2.36 13.18
CA VAL A 319 -14.11 1.87 12.57
C VAL A 319 -14.18 0.35 12.64
N VAL A 320 -13.10 -0.35 12.25
CA VAL A 320 -13.16 -1.80 12.25
C VAL A 320 -13.29 -2.35 13.67
N ARG A 321 -12.59 -1.74 14.62
CA ARG A 321 -12.70 -2.16 16.02
C ARG A 321 -14.13 -2.00 16.51
N SER A 322 -14.77 -0.91 16.14
CA SER A 322 -16.15 -0.72 16.56
C SER A 322 -17.06 -1.78 15.97
N MET A 323 -16.90 -2.09 14.69
CA MET A 323 -17.77 -3.09 14.06
C MET A 323 -17.53 -4.46 14.66
N TYR A 324 -16.25 -4.82 14.88
CA TYR A 324 -15.91 -6.07 15.54
C TYR A 324 -16.57 -6.15 16.91
N ASP A 325 -16.50 -5.07 17.70
CA ASP A 325 -17.02 -5.10 19.06
C ASP A 325 -18.54 -5.27 19.03
N LEU A 326 -19.20 -4.60 18.09
CA LEU A 326 -20.66 -4.69 17.98
C LEU A 326 -21.09 -6.13 17.72
N ALA A 327 -20.30 -6.85 16.93
CA ALA A 327 -20.63 -8.22 16.55
C ALA A 327 -20.42 -9.23 17.67
N GLY A 328 -19.74 -8.84 18.74
CA GLY A 328 -19.77 -9.65 19.94
C GLY A 328 -19.25 -11.04 19.72
N GLY A 329 -19.97 -12.00 20.29
CA GLY A 329 -19.49 -13.37 20.21
C GLY A 329 -19.45 -13.95 18.82
N THR A 330 -20.15 -13.34 17.86
CA THR A 330 -20.05 -13.85 16.48
C THR A 330 -18.62 -13.72 15.94
N ALA A 331 -18.00 -12.56 16.18
CA ALA A 331 -16.79 -12.19 15.47
C ALA A 331 -15.56 -12.83 16.06
N ILE A 332 -15.65 -13.41 17.26
CA ILE A 332 -14.43 -14.04 17.79
C ILE A 332 -14.05 -15.33 17.03
N TYR A 333 -14.98 -15.94 16.31
CA TYR A 333 -14.73 -17.22 15.66
C TYR A 333 -14.08 -17.03 14.30
N ASP A 334 -13.22 -17.98 13.95
CA ASP A 334 -12.41 -17.91 12.74
C ASP A 334 -13.26 -17.86 11.49
N ASN A 335 -14.49 -18.37 11.55
CA ASN A 335 -15.36 -18.35 10.39
C ASN A 335 -16.08 -17.03 10.18
N ALA A 336 -15.84 -16.01 11.03
CA ALA A 336 -16.56 -14.75 10.92
C ALA A 336 -15.81 -13.76 10.05
N PRO A 337 -16.45 -13.20 9.03
CA PRO A 337 -15.72 -12.25 8.17
C PRO A 337 -15.12 -11.08 8.94
N LEU A 338 -15.81 -10.60 9.96
CA LEU A 338 -15.29 -9.43 10.69
C LEU A 338 -13.99 -9.77 11.39
N GLN A 339 -13.78 -11.03 11.74
CA GLN A 339 -12.52 -11.38 12.39
C GLN A 339 -11.29 -11.07 11.51
N ARG A 340 -11.32 -11.46 10.25
CA ARG A 340 -10.20 -11.14 9.37
C ARG A 340 -10.08 -9.65 9.12
N ARG A 341 -11.22 -8.94 8.99
CA ARG A 341 -11.10 -7.48 8.83
C ARG A 341 -10.36 -6.86 10.00
N PHE A 342 -10.69 -7.31 11.22
CA PHE A 342 -10.08 -6.81 12.43
C PHE A 342 -8.58 -7.12 12.45
N ARG A 343 -8.22 -8.39 12.22
CA ARG A 343 -6.81 -8.76 12.16
C ARG A 343 -6.05 -7.97 11.08
N ASP A 344 -6.65 -7.79 9.91
CA ASP A 344 -5.99 -7.00 8.87
C ASP A 344 -5.83 -5.52 9.26
N ALA A 345 -6.87 -4.91 9.84
CA ALA A 345 -6.83 -3.50 10.20
C ALA A 345 -5.71 -3.22 11.20
N PHE A 346 -5.53 -4.13 12.15
CA PHE A 346 -4.53 -3.95 13.21
C PHE A 346 -3.16 -4.51 12.85
N THR A 347 -2.99 -5.04 11.63
CA THR A 347 -1.67 -5.26 11.05
C THR A 347 -1.25 -4.02 10.26
N ALA A 348 -2.21 -3.42 9.54
CA ALA A 348 -1.94 -2.22 8.76
C ALA A 348 -1.49 -1.06 9.63
N THR A 349 -2.02 -0.96 10.85
CA THR A 349 -1.71 0.19 11.69
C THR A 349 -0.23 0.23 12.07
N ALA A 350 0.47 -0.88 11.97
CA ALA A 350 1.89 -0.90 12.34
C ALA A 350 2.81 -0.26 11.30
N HIS A 351 2.31 0.04 10.11
CA HIS A 351 3.17 0.52 9.04
C HIS A 351 3.78 1.87 9.41
N PHE A 352 5.08 2.01 9.16
CA PHE A 352 5.83 3.17 9.63
C PHE A 352 5.43 4.49 8.98
N GLN A 353 4.77 4.47 7.82
CA GLN A 353 4.41 5.70 7.13
C GLN A 353 3.16 6.32 7.71
N VAL A 354 2.39 5.53 8.49
CA VAL A 354 1.03 5.92 8.86
C VAL A 354 0.67 5.55 10.30
N ASN A 355 1.69 5.35 11.13
CA ASN A 355 1.48 5.05 12.54
C ASN A 355 1.28 6.34 13.35
N GLU A 356 1.09 6.20 14.67
CA GLU A 356 0.86 7.41 15.45
C GLU A 356 2.08 8.31 15.43
N ALA A 357 3.28 7.72 15.35
CA ALA A 357 4.49 8.58 15.30
C ALA A 357 4.52 9.43 14.05
N SER A 358 3.87 8.98 12.96
CA SER A 358 3.86 9.71 11.70
C SER A 358 3.03 10.98 11.77
N ARG A 359 2.36 11.27 12.89
CA ARG A 359 1.71 12.56 13.02
C ARG A 359 2.66 13.68 13.43
N GLU A 360 3.81 13.34 13.96
CA GLU A 360 4.64 14.35 14.62
C GLU A 360 5.27 15.31 13.61
N LEU A 361 5.94 14.78 12.58
CA LEU A 361 6.54 15.67 11.58
C LEU A 361 5.50 16.55 10.89
N PRO A 362 4.38 16.02 10.41
CA PRO A 362 3.37 16.89 9.79
C PRO A 362 2.79 17.89 10.75
N GLY A 363 2.88 17.66 12.05
CA GLY A 363 2.53 18.67 13.02
C GLY A 363 3.59 19.75 13.14
N ARG A 364 4.87 19.35 13.09
CA ARG A 364 5.93 20.34 13.09
C ARG A 364 5.77 21.30 11.90
N VAL A 365 5.44 20.76 10.72
CA VAL A 365 5.20 21.62 9.56
C VAL A 365 4.03 22.58 9.80
N LEU A 366 2.92 22.08 10.37
CA LEU A 366 1.77 22.95 10.66
C LEU A 366 2.15 24.09 11.60
N LEU A 367 2.98 23.79 12.60
CA LEU A 367 3.38 24.78 13.60
C LEU A 367 4.59 25.61 13.16
N ASP A 368 5.02 25.50 11.90
CA ASP A 368 6.18 26.25 11.39
C ASP A 368 7.43 26.04 12.23
N GLN A 369 7.65 24.81 12.66
CA GLN A 369 8.86 24.48 13.40
C GLN A 369 9.92 23.92 12.46
N PRO A 370 11.20 24.07 12.81
CA PRO A 370 12.26 23.43 12.00
C PRO A 370 11.97 21.96 11.80
N ALA A 371 12.07 21.49 10.57
CA ALA A 371 11.80 20.08 10.31
C ALA A 371 12.55 19.64 9.06
N ASP A 372 13.11 18.43 9.13
CA ASP A 372 13.66 17.75 7.96
C ASP A 372 12.51 17.12 7.19
N VAL A 373 12.16 17.73 6.06
CA VAL A 373 11.04 17.28 5.24
C VAL A 373 11.52 16.53 3.99
N SER A 374 12.74 16.02 4.00
CA SER A 374 13.25 15.36 2.80
C SER A 374 12.43 14.15 2.44
N MET A 375 11.83 13.48 3.43
CA MET A 375 11.02 12.30 3.19
C MET A 375 9.54 12.51 3.46
N LEU A 376 9.09 13.77 3.50
CA LEU A 376 7.66 14.08 3.65
C LEU A 376 6.90 13.62 2.40
C01 1JA B . 10.70 6.27 4.18
C02 1JA B . 12.19 6.11 3.87
C03 1JA B . 12.73 6.39 2.61
C04 1JA B . 14.10 6.22 2.38
C05 1JA B . 9.75 5.95 3.02
C06 1JA B . 14.88 5.79 3.44
C07 1JA B . 14.28 5.54 4.66
C08 1JA B . 14.76 6.52 1.03
N01 1JA B . 12.98 5.70 4.84
N02 1JA B . 13.77 6.72 -0.02
S01 1JA B . 15.86 5.17 0.49
H012 1JA B . 10.49 5.67 4.92
H011 1JA B . 10.55 7.18 4.45
H031 1JA B . 12.18 6.69 1.93
H052 1JA B . 9.84 5.03 2.77
H051 1JA B . 9.96 6.52 2.26
H053 1JA B . 8.83 6.11 3.31
H061 1JA B . 15.80 5.69 3.34
H071 1JA B . 14.80 5.25 5.38
H1 1JA B . 13.93 7.48 -0.45
H013 1JA B . 16.86 5.63 0.03
N1 FMN C . 7.54 -1.20 4.10
C2 FMN C . 8.33 -1.08 2.86
O2 FMN C . 9.30 -0.11 2.77
N3 FMN C . 7.99 -1.97 1.73
C4 FMN C . 6.96 -2.93 1.97
O4 FMN C . 6.67 -3.76 0.90
C4A FMN C . 6.21 -2.99 3.28
N5 FMN C . 5.23 -3.89 3.44
C5A FMN C . 4.56 -3.98 4.59
C6 FMN C . 3.55 -4.95 4.82
C7 FMN C . 2.87 -4.93 6.05
C7M FMN C . 1.75 -5.95 6.32
C8 FMN C . 3.22 -4.05 7.06
C8M FMN C . 2.54 -4.02 8.43
C9 FMN C . 4.21 -3.15 6.86
C9A FMN C . 4.88 -3.12 5.64
N10 FMN C . 5.93 -2.12 5.55
C10 FMN C . 6.57 -2.11 4.24
C1' FMN C . 6.26 -1.15 6.57
C2' FMN C . 6.81 -1.86 7.77
O2' FMN C . 6.65 -3.23 7.64
C3' FMN C . 6.00 -1.59 9.02
O3' FMN C . 5.09 -2.61 9.33
C4' FMN C . 7.04 -1.55 10.12
O4' FMN C . 6.99 -2.82 10.76
C5' FMN C . 6.88 -0.44 11.14
O5' FMN C . 8.05 -0.48 11.91
P FMN C . 9.63 -0.56 11.30
O1P FMN C . 9.78 -0.91 9.83
O2P FMN C . 10.41 -1.61 12.08
O3P FMN C . 10.28 0.81 11.48
HN3 FMN C . 8.39 -1.92 0.97
H6 FMN C . 3.34 -5.57 4.17
HM71 FMN C . 0.90 -5.49 6.32
HM72 FMN C . 1.75 -6.62 5.62
HM73 FMN C . 1.89 -6.36 7.19
HM81 FMN C . 1.58 -4.16 8.31
HM82 FMN C . 2.90 -4.73 8.99
HM83 FMN C . 2.69 -3.17 8.85
H9 FMN C . 4.43 -2.55 7.53
H1'1 FMN C . 6.92 -0.54 6.23
H1'2 FMN C . 5.46 -0.67 6.83
H2' FMN C . 7.74 -1.56 7.85
HO2' FMN C . 6.13 -3.52 8.26
H3' FMN C . 5.47 -0.79 8.91
HO3' FMN C . 4.50 -2.29 9.86
H4' FMN C . 7.90 -1.36 9.71
HO4' FMN C . 6.19 -3.10 10.81
H5'1 FMN C . 6.09 -0.61 11.69
H5'2 FMN C . 6.79 0.42 10.69
#